data_2QJ8
#
_entry.id   2QJ8
#
_cell.length_a   81.054
_cell.length_b   86.140
_cell.length_c   94.632
_cell.angle_alpha   90.000
_cell.angle_beta   90.000
_cell.angle_gamma   90.000
#
_symmetry.space_group_name_H-M   'P 21 21 21'
#
loop_
_entity.id
_entity.type
_entity.pdbx_description
1 polymer 'Mlr6093 protein'
2 water water
#
_entity_poly.entity_id   1
_entity_poly.type   'polypeptide(L)'
_entity_poly.pdbx_seq_one_letter_code
;G(MSE)SEAPHLTFDLDTPGVSTGHLVVPKGADCEALSLPVFSCNRGEGPSLLITGGNHGNELQGPILARRLVKWLPEAQ
RCGRIIIVPEINPLAVQAWTRNTPIDGKNLNRVFPGRSDGSVSERIADAISRLLLPVVDTVLDLHSFGPTWDCAPSIISH
PIADIDQ(MSE)TKTVSISKAFKLPVTLLWEHNETDG(MSE)FDTLVHRQGKTFICTEFGGGVVSAEALTIYEAGVRNGL
IALGLVKGKAEYPTFRQQKTGQTLETTSSDQLKSPSPGIFEPRCSV(MSE)DEVEQGDVVGVLHP(MSE)GSLSAASIDI
RAQSKSTVFAIRSA(MSE)YVQGNEEVAILARPLAR
;
_entity_poly.pdbx_strand_id   A,B
#
# COMPACT_ATOMS: atom_id res chain seq x y z
N SER A 3 -4.99 18.74 -37.73
CA SER A 3 -4.93 18.12 -36.37
C SER A 3 -5.31 19.15 -35.28
N GLU A 4 -5.20 18.75 -34.01
CA GLU A 4 -5.65 19.53 -32.86
C GLU A 4 -4.46 19.91 -31.94
N ALA A 5 -4.48 21.13 -31.41
CA ALA A 5 -3.48 21.55 -30.44
C ALA A 5 -4.11 21.26 -29.06
N PRO A 6 -3.27 21.22 -27.99
CA PRO A 6 -3.88 21.08 -26.69
C PRO A 6 -4.65 22.36 -26.35
N HIS A 7 -5.77 22.21 -25.65
CA HIS A 7 -6.57 23.37 -25.26
C HIS A 7 -7.46 23.01 -24.10
N LEU A 8 -7.96 24.04 -23.43
CA LEU A 8 -8.95 23.91 -22.38
C LEU A 8 -10.32 24.09 -23.05
N THR A 9 -11.30 23.36 -22.54
CA THR A 9 -12.66 23.44 -23.06
C THR A 9 -13.47 24.63 -22.52
N PHE A 10 -12.85 25.45 -21.65
CA PHE A 10 -13.48 26.60 -21.05
C PHE A 10 -12.42 27.71 -20.97
N ASP A 11 -12.89 28.90 -20.61
CA ASP A 11 -12.08 30.08 -20.49
C ASP A 11 -11.64 30.28 -19.04
N LEU A 12 -10.33 30.31 -18.79
CA LEU A 12 -9.76 30.58 -17.44
C LEU A 12 -10.12 31.97 -16.90
N ASP A 13 -10.34 32.94 -17.81
CA ASP A 13 -10.71 34.29 -17.44
C ASP A 13 -12.17 34.45 -17.04
N THR A 14 -12.98 33.39 -17.16
CA THR A 14 -14.34 33.43 -16.73
C THR A 14 -14.37 33.68 -15.21
N PRO A 15 -15.12 34.71 -14.74
CA PRO A 15 -15.20 34.93 -13.31
C PRO A 15 -15.88 33.80 -12.57
N GLY A 16 -15.50 33.58 -11.33
CA GLY A 16 -16.04 32.50 -10.52
C GLY A 16 -15.50 31.10 -10.80
N VAL A 17 -16.34 30.12 -10.49
CA VAL A 17 -16.01 28.69 -10.57
C VAL A 17 -16.33 28.09 -11.96
N SER A 18 -15.33 27.48 -12.59
CA SER A 18 -15.51 26.80 -13.86
C SER A 18 -14.98 25.38 -13.74
N THR A 19 -15.61 24.44 -14.43
CA THR A 19 -15.13 23.06 -14.54
C THR A 19 -15.14 22.69 -16.03
N GLY A 20 -14.17 21.92 -16.46
CA GLY A 20 -14.10 21.51 -17.84
C GLY A 20 -13.01 20.51 -18.01
N HIS A 21 -12.34 20.55 -19.15
CA HIS A 21 -11.24 19.62 -19.44
C HIS A 21 -10.07 20.24 -20.17
N LEU A 22 -8.91 19.62 -19.98
CA LEU A 22 -7.68 19.89 -20.73
C LEU A 22 -7.57 18.75 -21.73
N VAL A 23 -7.63 19.09 -23.02
CA VAL A 23 -7.60 18.12 -24.08
C VAL A 23 -6.17 17.92 -24.54
N VAL A 24 -5.70 16.68 -24.44
CA VAL A 24 -4.38 16.28 -24.87
C VAL A 24 -4.63 15.63 -26.21
N PRO A 25 -4.16 16.23 -27.32
CA PRO A 25 -4.45 15.65 -28.64
C PRO A 25 -3.98 14.21 -28.83
N LYS A 26 -4.60 13.54 -29.79
CA LYS A 26 -4.21 12.25 -30.25
C LYS A 26 -2.74 12.31 -30.73
N GLY A 27 -2.05 11.18 -30.69
CA GLY A 27 -0.69 11.07 -31.17
C GLY A 27 -0.51 9.67 -31.66
N ALA A 28 0.75 9.30 -31.89
CA ALA A 28 1.08 8.03 -32.46
C ALA A 28 0.76 6.80 -31.61
N ASP A 29 0.61 6.95 -30.30
CA ASP A 29 0.38 5.79 -29.39
C ASP A 29 -1.02 5.65 -28.80
N CYS A 30 -1.82 6.72 -28.80
CA CYS A 30 -3.22 6.60 -28.36
C CYS A 30 -4.07 7.80 -28.78
N GLU A 31 -5.39 7.67 -28.60
CA GLU A 31 -6.38 8.70 -28.94
C GLU A 31 -6.31 9.89 -27.96
N ALA A 32 -7.06 10.95 -28.24
CA ALA A 32 -7.08 12.14 -27.38
C ALA A 32 -7.55 11.79 -25.98
N LEU A 33 -7.02 12.51 -25.00
CA LEU A 33 -7.39 12.37 -23.61
C LEU A 33 -7.99 13.68 -23.12
N SER A 34 -8.96 13.59 -22.21
CA SER A 34 -9.63 14.73 -21.59
C SER A 34 -9.45 14.67 -20.09
N LEU A 35 -8.59 15.54 -19.55
CA LEU A 35 -8.31 15.58 -18.12
C LEU A 35 -9.20 16.61 -17.47
N PRO A 36 -10.09 16.22 -16.54
CA PRO A 36 -10.91 17.25 -15.89
C PRO A 36 -10.11 18.31 -15.13
N VAL A 37 -10.57 19.55 -15.22
CA VAL A 37 -9.93 20.70 -14.62
C VAL A 37 -11.00 21.55 -13.93
N PHE A 38 -10.63 22.07 -12.77
CA PHE A 38 -11.44 22.99 -12.00
C PHE A 38 -10.68 24.31 -11.96
N SER A 39 -11.37 25.43 -12.07
CA SER A 39 -10.74 26.73 -11.89
C SER A 39 -11.68 27.67 -11.11
N CYS A 40 -11.14 28.35 -10.09
CA CYS A 40 -11.92 29.31 -9.29
C CYS A 40 -11.21 30.66 -9.43
N ASN A 41 -11.84 31.57 -10.16
CA ASN A 41 -11.30 32.88 -10.43
C ASN A 41 -12.02 33.93 -9.58
N ARG A 42 -11.33 34.44 -8.55
CA ARG A 42 -11.86 35.49 -7.69
C ARG A 42 -11.13 36.83 -7.89
N GLY A 43 -10.76 37.15 -9.13
CA GLY A 43 -10.12 38.41 -9.46
C GLY A 43 -8.64 38.48 -9.18
N GLU A 44 -8.19 39.67 -8.77
CA GLU A 44 -6.79 39.92 -8.54
C GLU A 44 -6.30 39.22 -7.28
N GLY A 45 -5.05 38.77 -7.30
CA GLY A 45 -4.46 38.05 -6.20
C GLY A 45 -3.55 36.96 -6.74
N PRO A 46 -3.02 36.10 -5.86
CA PRO A 46 -2.11 35.02 -6.20
C PRO A 46 -2.66 33.98 -7.16
N SER A 47 -1.78 33.34 -7.94
CA SER A 47 -2.17 32.31 -8.89
C SER A 47 -1.50 30.99 -8.46
N LEU A 48 -2.25 29.92 -8.53
CA LEU A 48 -1.83 28.60 -8.05
C LEU A 48 -2.39 27.47 -8.87
N LEU A 49 -1.54 26.49 -9.19
CA LEU A 49 -1.96 25.25 -9.79
C LEU A 49 -1.75 24.18 -8.75
N ILE A 50 -2.74 23.32 -8.56
CA ILE A 50 -2.66 22.15 -7.72
C ILE A 50 -2.84 20.90 -8.56
N THR A 51 -1.85 20.00 -8.51
CA THR A 51 -1.86 18.78 -9.28
C THR A 51 -1.87 17.52 -8.37
N GLY A 52 -2.60 16.50 -8.80
CA GLY A 52 -2.57 15.16 -8.16
C GLY A 52 -2.41 14.10 -9.23
N GLY A 53 -2.16 12.88 -8.83
CA GLY A 53 -2.20 11.75 -9.76
C GLY A 53 -1.16 11.66 -10.83
N ASN A 54 0.03 12.18 -10.57
CA ASN A 54 1.16 11.97 -11.50
C ASN A 54 1.45 10.47 -11.57
N HIS A 55 1.27 9.77 -10.44
CA HIS A 55 1.46 8.33 -10.37
C HIS A 55 0.13 7.66 -10.09
N GLY A 56 -0.07 6.47 -10.60
CA GLY A 56 -1.37 5.82 -10.47
C GLY A 56 -1.77 5.00 -9.26
N ASN A 57 -0.83 4.74 -8.38
CA ASN A 57 -1.09 3.94 -7.20
C ASN A 57 -1.20 4.80 -5.90
N GLU A 58 -1.61 6.07 -6.06
N GLU A 58 -1.57 6.09 -6.03
CA GLU A 58 -1.73 7.02 -4.97
CA GLU A 58 -1.73 6.99 -4.89
C GLU A 58 -3.00 7.79 -5.18
C GLU A 58 -2.96 7.82 -5.11
N LEU A 59 -4.02 7.51 -4.38
CA LEU A 59 -5.27 8.20 -4.54
C LEU A 59 -5.57 9.26 -3.51
N GLN A 60 -4.76 9.41 -2.47
CA GLN A 60 -5.08 10.38 -1.41
C GLN A 60 -4.96 11.83 -1.93
N GLY A 61 -3.99 12.09 -2.81
CA GLY A 61 -3.80 13.36 -3.50
C GLY A 61 -5.03 13.72 -4.33
N PRO A 62 -5.41 12.86 -5.30
CA PRO A 62 -6.67 13.06 -6.03
C PRO A 62 -7.92 13.31 -5.16
N ILE A 63 -8.04 12.57 -4.07
CA ILE A 63 -9.18 12.74 -3.12
C ILE A 63 -9.12 14.11 -2.45
N LEU A 64 -7.95 14.48 -1.91
CA LEU A 64 -7.73 15.78 -1.32
C LEU A 64 -8.02 16.89 -2.33
N ALA A 65 -7.54 16.72 -3.57
CA ALA A 65 -7.80 17.67 -4.64
C ALA A 65 -9.30 17.87 -4.89
N ARG A 66 -10.08 16.80 -4.89
CA ARG A 66 -11.50 16.88 -5.05
C ARG A 66 -12.17 17.54 -3.85
N ARG A 67 -11.63 17.36 -2.66
CA ARG A 67 -12.18 18.10 -1.50
C ARG A 67 -12.00 19.62 -1.65
N LEU A 68 -10.83 20.02 -2.15
CA LEU A 68 -10.49 21.43 -2.40
C LEU A 68 -11.41 22.00 -3.46
N VAL A 69 -11.68 21.21 -4.50
CA VAL A 69 -12.65 21.56 -5.55
C VAL A 69 -14.01 21.94 -4.97
N LYS A 70 -14.48 21.21 -3.97
CA LYS A 70 -15.74 21.51 -3.33
C LYS A 70 -15.72 22.62 -2.26
N TRP A 71 -14.55 22.85 -1.65
CA TRP A 71 -14.38 23.81 -0.54
C TRP A 71 -14.01 25.21 -0.98
N LEU A 72 -13.18 25.31 -2.02
CA LEU A 72 -12.74 26.61 -2.50
C LEU A 72 -13.79 27.60 -3.03
N PRO A 73 -14.91 27.12 -3.65
CA PRO A 73 -15.95 28.07 -4.01
C PRO A 73 -16.43 29.00 -2.88
N GLU A 74 -16.51 28.51 -1.62
CA GLU A 74 -16.86 29.35 -0.46
C GLU A 74 -15.63 29.96 0.24
N ALA A 75 -14.55 29.19 0.39
CA ALA A 75 -13.33 29.63 1.07
C ALA A 75 -12.32 30.51 0.32
N GLN A 76 -12.21 30.43 -1.00
CA GLN A 76 -11.22 31.22 -1.73
C GLN A 76 -11.59 32.71 -1.67
N ARG A 77 -10.68 33.56 -1.16
CA ARG A 77 -10.95 35.00 -1.05
C ARG A 77 -10.56 35.81 -2.27
N CYS A 78 -9.55 35.36 -3.01
CA CYS A 78 -9.05 36.14 -4.14
C CYS A 78 -8.20 35.28 -5.06
N GLY A 79 -7.68 35.89 -6.12
CA GLY A 79 -6.78 35.24 -7.06
C GLY A 79 -7.40 34.16 -7.90
N ARG A 80 -6.55 33.26 -8.42
CA ARG A 80 -7.00 32.16 -9.23
C ARG A 80 -6.31 30.85 -8.81
N ILE A 81 -7.11 29.81 -8.59
CA ILE A 81 -6.64 28.47 -8.24
C ILE A 81 -7.16 27.50 -9.28
N ILE A 82 -6.22 26.82 -9.95
CA ILE A 82 -6.57 25.82 -10.94
C ILE A 82 -6.21 24.47 -10.30
N ILE A 83 -7.08 23.45 -10.47
CA ILE A 83 -6.84 22.12 -9.90
C ILE A 83 -7.08 21.03 -10.94
N VAL A 84 -6.09 20.12 -11.07
CA VAL A 84 -6.18 18.94 -11.95
CA VAL A 84 -6.15 18.94 -11.96
C VAL A 84 -5.95 17.73 -11.02
N PRO A 85 -7.06 17.13 -10.48
CA PRO A 85 -6.88 16.05 -9.50
C PRO A 85 -6.12 14.82 -9.93
N GLU A 86 -6.19 14.45 -11.22
CA GLU A 86 -5.47 13.29 -11.77
C GLU A 86 -4.85 13.69 -13.10
N ILE A 87 -3.59 14.10 -13.08
CA ILE A 87 -2.89 14.45 -14.30
C ILE A 87 -2.52 13.21 -15.14
N ASN A 88 -2.50 12.00 -14.53
CA ASN A 88 -2.15 10.78 -15.28
C ASN A 88 -3.27 9.73 -15.13
N PRO A 89 -4.44 9.98 -15.75
CA PRO A 89 -5.57 9.02 -15.66
C PRO A 89 -5.28 7.64 -16.15
N LEU A 90 -4.43 7.51 -17.16
CA LEU A 90 -4.04 6.20 -17.63
C LEU A 90 -3.39 5.36 -16.52
N ALA A 91 -2.46 5.96 -15.78
CA ALA A 91 -1.77 5.32 -14.67
C ALA A 91 -2.73 5.03 -13.51
N VAL A 92 -3.58 5.98 -13.18
CA VAL A 92 -4.58 5.80 -12.10
C VAL A 92 -5.50 4.59 -12.38
N GLN A 93 -5.95 4.50 -13.64
CA GLN A 93 -6.82 3.41 -14.04
C GLN A 93 -6.13 2.07 -14.22
N ALA A 94 -4.83 2.06 -14.56
CA ALA A 94 -4.06 0.82 -14.70
C ALA A 94 -3.40 0.34 -13.40
N TRP A 95 -3.53 1.08 -12.29
CA TRP A 95 -2.92 0.71 -11.00
CA TRP A 95 -2.90 0.80 -10.97
C TRP A 95 -1.40 0.59 -11.14
N THR A 96 -0.80 1.49 -11.97
CA THR A 96 0.60 1.48 -12.30
CA THR A 96 0.63 1.47 -12.26
C THR A 96 1.27 2.74 -11.76
N ARG A 97 2.57 2.70 -11.52
CA ARG A 97 3.26 3.88 -11.04
C ARG A 97 3.37 4.89 -12.15
N ASN A 98 3.78 4.44 -13.33
CA ASN A 98 3.92 5.33 -14.47
C ASN A 98 2.94 5.02 -15.59
N THR A 99 2.98 5.85 -16.60
CA THR A 99 2.07 5.75 -17.71
C THR A 99 2.18 4.36 -18.36
N PRO A 100 1.07 3.59 -18.38
CA PRO A 100 1.15 2.26 -18.95
C PRO A 100 1.41 2.18 -20.46
N ILE A 101 1.02 3.20 -21.23
CA ILE A 101 1.21 3.16 -22.69
C ILE A 101 2.66 3.27 -23.12
N ASP A 102 3.37 4.27 -22.58
CA ASP A 102 4.77 4.55 -22.96
C ASP A 102 5.83 4.20 -21.90
N GLY A 103 5.39 3.80 -20.70
CA GLY A 103 6.29 3.45 -19.60
C GLY A 103 6.96 4.64 -18.92
N LYS A 104 6.61 5.88 -19.29
CA LYS A 104 7.29 7.06 -18.79
C LYS A 104 6.64 7.64 -17.55
N ASN A 105 7.50 8.19 -16.71
CA ASN A 105 7.12 8.93 -15.51
C ASN A 105 6.88 10.33 -16.02
N LEU A 106 5.59 10.68 -16.02
CA LEU A 106 5.09 11.95 -16.53
C LEU A 106 5.81 13.19 -15.99
N ASN A 107 6.12 13.14 -14.70
CA ASN A 107 6.83 14.21 -14.02
C ASN A 107 8.24 14.41 -14.59
N ARG A 108 9.01 13.33 -14.79
CA ARG A 108 10.38 13.50 -15.31
CA ARG A 108 10.37 13.43 -15.31
C ARG A 108 10.48 13.92 -16.78
N VAL A 109 9.38 13.81 -17.55
CA VAL A 109 9.40 14.22 -18.98
C VAL A 109 9.04 15.69 -19.26
N PHE A 110 8.57 16.46 -18.26
CA PHE A 110 8.25 17.89 -18.46
C PHE A 110 9.45 18.65 -19.02
N PRO A 111 9.23 19.61 -19.95
CA PRO A 111 7.96 20.12 -20.46
C PRO A 111 7.32 19.30 -21.61
N GLY A 112 7.77 18.07 -21.85
CA GLY A 112 7.25 17.26 -22.96
C GLY A 112 7.42 17.85 -24.36
N ARG A 113 6.63 17.32 -25.30
CA ARG A 113 6.57 17.77 -26.67
C ARG A 113 5.24 17.33 -27.30
N SER A 114 4.70 18.18 -28.15
CA SER A 114 3.38 17.97 -28.76
C SER A 114 3.28 16.74 -29.66
N ASP A 115 4.39 16.36 -30.29
CA ASP A 115 4.46 15.21 -31.17
C ASP A 115 5.22 14.01 -30.56
N GLY A 116 5.30 13.93 -29.24
CA GLY A 116 5.99 12.83 -28.55
C GLY A 116 4.99 11.78 -28.15
N SER A 117 5.41 10.84 -27.31
CA SER A 117 4.54 9.79 -26.79
C SER A 117 3.46 10.38 -25.83
N VAL A 118 2.49 9.57 -25.37
CA VAL A 118 1.37 10.10 -24.55
C VAL A 118 1.83 10.91 -23.32
N SER A 119 2.78 10.41 -22.54
CA SER A 119 3.30 11.16 -21.37
C SER A 119 3.83 12.55 -21.73
N GLU A 120 4.54 12.61 -22.85
CA GLU A 120 5.12 13.85 -23.38
C GLU A 120 4.06 14.84 -23.87
N ARG A 121 2.97 14.33 -24.49
CA ARG A 121 1.84 15.19 -24.91
C ARG A 121 1.06 15.72 -23.69
N ILE A 122 0.92 14.91 -22.63
CA ILE A 122 0.26 15.38 -21.41
C ILE A 122 1.06 16.51 -20.79
N ALA A 123 2.38 16.31 -20.68
CA ALA A 123 3.31 17.29 -20.12
C ALA A 123 3.29 18.59 -20.96
N ASP A 124 3.32 18.46 -22.29
CA ASP A 124 3.20 19.59 -23.20
C ASP A 124 1.90 20.39 -23.04
N ALA A 125 0.77 19.72 -22.83
CA ALA A 125 -0.54 20.34 -22.65
C ALA A 125 -0.59 21.17 -21.38
N ILE A 126 -0.07 20.62 -20.29
CA ILE A 126 -0.01 21.30 -18.99
C ILE A 126 0.93 22.51 -19.06
N SER A 127 2.05 22.31 -19.73
CA SER A 127 3.09 23.32 -19.90
C SER A 127 2.69 24.48 -20.78
N ARG A 128 1.90 24.22 -21.83
CA ARG A 128 1.41 25.29 -22.70
C ARG A 128 0.19 26.04 -22.16
N LEU A 129 -0.72 25.33 -21.48
CA LEU A 129 -1.99 25.91 -21.03
C LEU A 129 -2.14 26.30 -19.57
N LEU A 130 -1.42 25.65 -18.67
CA LEU A 130 -1.62 25.90 -17.23
C LEU A 130 -0.43 26.57 -16.57
N LEU A 131 0.77 26.09 -16.85
CA LEU A 131 1.98 26.65 -16.25
C LEU A 131 2.20 28.15 -16.48
N PRO A 132 1.93 28.65 -17.70
CA PRO A 132 2.16 30.09 -17.92
C PRO A 132 1.26 31.07 -17.12
N VAL A 133 0.13 30.60 -16.61
CA VAL A 133 -0.78 31.42 -15.84
C VAL A 133 -0.64 31.30 -14.32
N VAL A 134 0.34 30.53 -13.82
CA VAL A 134 0.54 30.39 -12.38
C VAL A 134 1.95 30.72 -11.93
N ASP A 135 2.06 31.24 -10.70
CA ASP A 135 3.34 31.54 -10.08
C ASP A 135 3.77 30.47 -9.08
N THR A 136 2.85 29.60 -8.67
CA THR A 136 3.07 28.60 -7.61
C THR A 136 2.41 27.32 -8.07
N VAL A 137 3.11 26.21 -7.91
CA VAL A 137 2.55 24.92 -8.20
C VAL A 137 2.64 24.08 -6.94
N LEU A 138 1.54 23.47 -6.56
CA LEU A 138 1.43 22.55 -5.44
C LEU A 138 1.16 21.15 -6.01
N ASP A 139 2.12 20.24 -5.89
CA ASP A 139 1.94 18.84 -6.34
C ASP A 139 1.67 17.95 -5.13
N LEU A 140 0.57 17.19 -5.19
CA LEU A 140 0.16 16.24 -4.16
C LEU A 140 0.79 14.91 -4.64
N HIS A 141 2.00 14.66 -4.13
CA HIS A 141 2.94 13.66 -4.69
C HIS A 141 2.97 12.28 -4.03
N SER A 142 3.12 11.27 -4.87
CA SER A 142 3.15 9.91 -4.40
C SER A 142 4.57 9.59 -4.02
N PHE A 143 4.84 9.40 -2.74
CA PHE A 143 6.18 9.03 -2.33
C PHE A 143 6.47 7.59 -2.82
N GLY A 144 5.48 6.71 -2.70
CA GLY A 144 5.56 5.30 -3.16
C GLY A 144 4.56 4.54 -2.32
N PRO A 145 3.65 3.70 -2.93
CA PRO A 145 2.68 2.94 -2.08
C PRO A 145 3.30 1.79 -1.27
N THR A 146 4.54 1.46 -1.57
CA THR A 146 5.31 0.49 -0.82
C THR A 146 6.09 1.17 0.33
N TRP A 147 5.90 2.47 0.53
CA TRP A 147 6.55 3.21 1.60
C TRP A 147 5.48 3.80 2.51
N ASP A 148 5.86 3.97 3.76
CA ASP A 148 5.12 4.78 4.71
C ASP A 148 6.10 5.97 4.90
N CYS A 149 5.58 7.19 4.87
CA CYS A 149 6.39 8.36 5.13
C CYS A 149 5.58 9.38 5.93
N ALA A 150 6.30 10.28 6.58
CA ALA A 150 5.68 11.34 7.37
C ALA A 150 4.86 12.28 6.48
N PRO A 151 3.71 12.81 6.98
CA PRO A 151 3.01 13.85 6.21
C PRO A 151 3.93 15.06 6.24
N SER A 152 4.35 15.50 5.06
CA SER A 152 5.47 16.43 4.94
C SER A 152 5.57 17.14 3.61
N ILE A 153 6.53 18.06 3.56
CA ILE A 153 6.99 18.68 2.36
C ILE A 153 8.48 18.40 2.31
N ILE A 154 8.99 17.93 1.17
CA ILE A 154 10.42 17.71 0.95
C ILE A 154 10.89 18.86 0.08
N SER A 155 11.86 19.62 0.61
CA SER A 155 12.46 20.79 0.02
C SER A 155 13.84 20.39 -0.49
N HIS A 156 14.07 20.54 -1.79
CA HIS A 156 15.36 20.23 -2.39
C HIS A 156 16.24 21.52 -2.40
N PRO A 157 17.44 21.49 -1.76
CA PRO A 157 18.33 22.64 -1.80
C PRO A 157 18.72 23.12 -3.20
N ILE A 158 18.69 24.43 -3.41
CA ILE A 158 19.06 25.06 -4.69
C ILE A 158 19.99 26.24 -4.43
N ALA A 159 20.78 26.61 -5.45
CA ALA A 159 21.80 27.65 -5.34
C ALA A 159 21.25 29.07 -5.24
N ASP A 160 20.05 29.32 -5.78
CA ASP A 160 19.42 30.65 -5.70
C ASP A 160 18.83 30.82 -4.28
N ILE A 161 19.52 31.63 -3.47
CA ILE A 161 19.24 31.80 -2.04
C ILE A 161 17.83 32.36 -1.76
N ASP A 162 17.44 33.44 -2.44
CA ASP A 162 16.08 34.00 -2.26
C ASP A 162 14.99 33.02 -2.64
N GLN A 163 15.14 32.34 -3.76
CA GLN A 163 14.13 31.37 -4.18
C GLN A 163 14.00 30.25 -3.17
N THR A 165 14.87 30.34 0.08
CA THR A 165 14.31 30.93 1.30
C THR A 165 12.78 31.13 1.21
N LYS A 166 12.33 31.68 0.09
CA LYS A 166 10.91 31.89 -0.12
C LYS A 166 10.15 30.57 -0.12
N THR A 167 10.62 29.60 -0.90
CA THR A 167 9.94 28.31 -1.02
C THR A 167 9.93 27.56 0.30
N VAL A 168 11.05 27.56 1.03
CA VAL A 168 11.15 26.87 2.32
C VAL A 168 10.22 27.55 3.34
N SER A 169 10.14 28.88 3.35
CA SER A 169 9.23 29.57 4.27
C SER A 169 7.76 29.24 4.02
N ILE A 170 7.37 29.29 2.76
CA ILE A 170 6.01 28.93 2.37
C ILE A 170 5.69 27.48 2.79
N SER A 171 6.62 26.56 2.54
CA SER A 171 6.49 25.15 2.90
C SER A 171 6.31 24.94 4.41
N LYS A 172 7.12 25.59 5.22
CA LYS A 172 7.03 25.53 6.68
C LYS A 172 5.69 26.07 7.22
N ALA A 173 5.14 27.09 6.55
CA ALA A 173 3.83 27.67 6.86
C ALA A 173 2.63 26.68 6.68
N PHE A 174 2.82 25.53 6.02
CA PHE A 174 1.79 24.48 5.92
C PHE A 174 1.61 23.81 7.29
N LYS A 175 2.61 23.92 8.19
CA LYS A 175 2.60 23.32 9.50
C LYS A 175 2.39 21.79 9.50
N LEU A 176 2.95 21.10 8.51
CA LEU A 176 2.91 19.65 8.49
C LEU A 176 3.92 19.11 9.54
N PRO A 177 3.74 17.85 9.98
CA PRO A 177 4.67 17.20 10.92
C PRO A 177 6.16 17.37 10.63
N VAL A 178 6.55 17.28 9.35
CA VAL A 178 7.94 17.42 8.93
C VAL A 178 8.13 18.26 7.68
N THR A 179 9.10 19.16 7.70
CA THR A 179 9.56 19.78 6.44
C THR A 179 10.95 19.15 6.28
N LEU A 180 11.20 18.45 5.18
CA LEU A 180 12.49 17.76 5.04
C LEU A 180 13.40 18.39 4.01
N LEU A 181 14.59 18.80 4.44
CA LEU A 181 15.59 19.30 3.51
CA LEU A 181 15.63 19.32 3.54
C LEU A 181 16.33 18.07 2.98
N TRP A 182 16.32 17.88 1.66
CA TRP A 182 16.92 16.71 1.06
C TRP A 182 17.35 16.95 -0.38
N GLU A 183 18.65 16.84 -0.63
CA GLU A 183 19.25 17.04 -1.93
C GLU A 183 19.28 15.69 -2.65
N HIS A 184 18.09 15.25 -3.06
CA HIS A 184 17.92 13.94 -3.72
C HIS A 184 18.34 13.87 -5.21
N ASN A 185 18.45 15.04 -5.84
CA ASN A 185 18.79 15.18 -7.26
C ASN A 185 17.89 14.44 -8.27
N GLU A 186 16.64 14.20 -7.86
CA GLU A 186 15.56 13.59 -8.65
C GLU A 186 14.70 14.77 -9.11
N THR A 187 15.32 15.64 -9.89
CA THR A 187 14.75 16.90 -10.35
C THR A 187 14.50 17.03 -11.86
N ASP A 188 14.78 15.98 -12.64
CA ASP A 188 14.51 16.03 -14.07
C ASP A 188 13.04 16.27 -14.28
N GLY A 189 12.73 17.03 -15.31
CA GLY A 189 11.36 17.31 -15.64
C GLY A 189 10.68 18.50 -14.98
N PHE A 191 10.53 19.61 -11.77
CA PHE A 191 11.31 20.43 -10.84
C PHE A 191 12.17 21.40 -11.63
N ASP A 192 13.00 20.88 -12.53
CA ASP A 192 13.84 21.73 -13.36
C ASP A 192 13.06 22.77 -14.13
N THR A 193 11.90 22.38 -14.64
CA THR A 193 11.05 23.29 -15.41
C THR A 193 10.52 24.46 -14.59
N LEU A 194 9.89 24.16 -13.47
CA LEU A 194 9.26 25.17 -12.63
C LEU A 194 10.23 26.00 -11.82
N VAL A 195 11.15 25.31 -11.17
CA VAL A 195 12.16 25.94 -10.34
C VAL A 195 13.27 26.64 -11.12
N HIS A 196 14.03 25.89 -11.89
CA HIS A 196 15.19 26.48 -12.54
C HIS A 196 14.86 27.32 -13.77
N ARG A 197 14.09 26.74 -14.69
CA ARG A 197 13.77 27.44 -15.93
C ARG A 197 12.81 28.63 -15.71
N GLN A 198 11.76 28.44 -14.89
CA GLN A 198 10.71 29.45 -14.68
C GLN A 198 10.80 30.28 -13.41
N GLY A 199 11.63 29.89 -12.45
CA GLY A 199 11.83 30.67 -11.24
C GLY A 199 10.60 30.80 -10.39
N LYS A 200 9.82 29.73 -10.33
CA LYS A 200 8.58 29.67 -9.58
C LYS A 200 8.70 28.90 -8.27
N THR A 201 7.65 29.04 -7.47
CA THR A 201 7.52 28.35 -6.18
C THR A 201 6.90 26.99 -6.48
N PHE A 202 7.67 25.92 -6.25
CA PHE A 202 7.18 24.58 -6.46
C PHE A 202 7.20 23.85 -5.12
N ILE A 203 6.01 23.40 -4.69
CA ILE A 203 5.81 22.73 -3.39
C ILE A 203 5.26 21.31 -3.60
N CYS A 204 5.95 20.34 -2.99
CA CYS A 204 5.62 18.93 -3.13
CA CYS A 204 5.59 18.91 -3.11
C CYS A 204 5.26 18.35 -1.76
N THR A 205 3.99 18.00 -1.56
CA THR A 205 3.52 17.40 -0.30
C THR A 205 3.63 15.89 -0.53
N GLU A 206 4.08 15.15 0.47
CA GLU A 206 4.36 13.73 0.30
C GLU A 206 3.34 12.80 0.89
N PHE A 207 2.85 11.88 0.04
CA PHE A 207 1.86 10.86 0.37
C PHE A 207 2.50 9.48 0.17
N GLY A 208 2.54 8.69 1.25
CA GLY A 208 3.07 7.31 1.22
C GLY A 208 1.88 6.37 1.23
N GLY A 209 2.13 5.07 1.00
CA GLY A 209 1.07 4.07 1.01
C GLY A 209 0.62 3.53 2.36
N GLY A 210 1.23 3.97 3.45
CA GLY A 210 0.85 3.54 4.81
C GLY A 210 -0.22 4.42 5.43
N LEU A 217 -5.11 11.82 6.67
CA LEU A 217 -5.66 12.64 5.58
C LEU A 217 -6.30 13.97 6.08
N THR A 218 -6.69 14.04 7.36
CA THR A 218 -7.16 15.31 7.93
C THR A 218 -5.89 16.17 8.22
N ILE A 219 -4.75 15.52 8.48
CA ILE A 219 -3.47 16.23 8.64
C ILE A 219 -3.14 17.01 7.36
N TYR A 220 -3.24 16.32 6.22
CA TYR A 220 -2.99 16.90 4.90
C TYR A 220 -3.94 18.01 4.55
N GLU A 221 -5.23 17.80 4.85
CA GLU A 221 -6.27 18.83 4.69
C GLU A 221 -5.94 20.10 5.43
N ALA A 222 -5.60 19.97 6.72
CA ALA A 222 -5.28 21.12 7.56
C ALA A 222 -3.99 21.80 7.07
N GLY A 223 -3.02 20.98 6.65
CA GLY A 223 -1.77 21.41 6.11
C GLY A 223 -1.94 22.25 4.87
N VAL A 224 -2.69 21.74 3.91
CA VAL A 224 -2.93 22.46 2.66
C VAL A 224 -3.74 23.73 2.87
N ARG A 225 -4.67 23.73 3.82
CA ARG A 225 -5.39 24.95 4.20
C ARG A 225 -4.45 26.01 4.79
N ASN A 226 -3.54 25.60 5.69
CA ASN A 226 -2.53 26.51 6.24
C ASN A 226 -1.66 27.11 5.11
N GLY A 227 -1.30 26.25 4.14
CA GLY A 227 -0.52 26.66 2.99
C GLY A 227 -1.23 27.70 2.17
N LEU A 228 -2.54 27.48 1.93
CA LEU A 228 -3.38 28.44 1.18
C LEU A 228 -3.53 29.77 1.88
N ILE A 229 -3.66 29.74 3.20
CA ILE A 229 -3.66 30.93 4.02
C ILE A 229 -2.34 31.67 3.87
N ALA A 230 -1.22 30.95 4.03
CA ALA A 230 0.11 31.53 3.85
C ALA A 230 0.33 32.16 2.46
N LEU A 231 -0.35 31.65 1.44
CA LEU A 231 -0.26 32.21 0.09
C LEU A 231 -1.22 33.38 -0.13
N GLY A 232 -2.06 33.74 0.85
CA GLY A 232 -3.02 34.79 0.73
C GLY A 232 -4.25 34.48 -0.12
N LEU A 233 -4.56 33.21 -0.32
CA LEU A 233 -5.70 32.79 -1.15
C LEU A 233 -6.97 32.45 -0.36
N VAL A 234 -6.81 32.06 0.89
CA VAL A 234 -7.90 31.72 1.79
C VAL A 234 -7.62 32.51 3.06
N LYS A 235 -8.66 33.09 3.66
CA LYS A 235 -8.48 33.87 4.88
C LYS A 235 -8.74 32.96 6.08
N GLY A 236 -7.97 33.12 7.13
CA GLY A 236 -8.16 32.32 8.33
C GLY A 236 -6.98 32.49 9.24
N LYS A 237 -6.85 31.54 10.17
CA LYS A 237 -5.73 31.46 11.13
C LYS A 237 -5.21 30.05 11.00
N ALA A 238 -3.99 29.89 10.52
CA ALA A 238 -3.39 28.58 10.34
C ALA A 238 -2.96 27.94 11.67
N GLY A 249 5.41 20.77 14.29
CA GLY A 249 6.21 21.03 13.09
C GLY A 249 7.71 20.90 13.33
N GLN A 250 8.38 19.99 12.62
CA GLN A 250 9.82 19.78 12.73
C GLN A 250 10.46 20.01 11.39
N THR A 251 11.64 20.64 11.41
CA THR A 251 12.45 20.83 10.21
C THR A 251 13.65 19.88 10.34
N LEU A 252 13.72 18.92 9.42
CA LEU A 252 14.72 17.85 9.45
C LEU A 252 15.47 17.85 8.13
N GLU A 253 16.63 17.21 8.12
CA GLU A 253 17.42 17.04 6.89
C GLU A 253 17.90 15.61 6.79
N THR A 254 18.06 15.17 5.55
CA THR A 254 18.54 13.81 5.27
CA THR A 254 18.46 13.81 5.20
C THR A 254 19.70 13.91 4.30
N THR A 255 20.80 13.24 4.67
CA THR A 255 22.05 13.18 3.88
C THR A 255 22.28 11.72 3.49
N SER A 256 23.26 11.45 2.63
CA SER A 256 23.49 10.07 2.12
C SER A 256 23.63 8.97 3.18
N SER A 257 24.26 9.26 4.31
CA SER A 257 24.37 8.27 5.39
C SER A 257 23.01 7.88 6.08
N ASP A 258 21.98 8.71 5.85
CA ASP A 258 20.65 8.52 6.38
C ASP A 258 19.74 7.71 5.45
N GLN A 259 20.20 7.44 4.23
CA GLN A 259 19.43 6.68 3.25
C GLN A 259 19.92 5.25 3.32
N LEU A 260 19.19 4.41 4.04
CA LEU A 260 19.60 3.04 4.25
C LEU A 260 19.14 2.14 3.07
N LYS A 261 20.06 1.30 2.60
CA LYS A 261 19.85 0.41 1.46
C LYS A 261 20.07 -1.04 1.86
N SER A 262 19.44 -1.97 1.15
CA SER A 262 19.62 -3.37 1.37
C SER A 262 20.97 -3.75 0.74
N PRO A 263 21.78 -4.58 1.40
CA PRO A 263 23.06 -4.97 0.82
C PRO A 263 22.95 -6.08 -0.24
N SER A 264 21.80 -6.75 -0.29
CA SER A 264 21.57 -7.89 -1.19
C SER A 264 20.07 -8.06 -1.37
N PRO A 265 19.63 -8.87 -2.35
CA PRO A 265 18.19 -9.06 -2.49
C PRO A 265 17.60 -9.97 -1.41
N GLY A 266 16.33 -9.74 -1.07
CA GLY A 266 15.63 -10.56 -0.06
C GLY A 266 14.30 -9.95 0.32
N ILE A 267 13.71 -10.45 1.41
CA ILE A 267 12.45 -9.85 1.93
C ILE A 267 12.83 -8.84 3.01
N PHE A 268 12.52 -7.57 2.77
CA PHE A 268 12.81 -6.54 3.74
C PHE A 268 11.67 -6.57 4.75
N GLU A 269 12.01 -6.51 6.02
CA GLU A 269 11.04 -6.46 7.09
C GLU A 269 11.33 -5.19 7.89
N PRO A 270 10.39 -4.21 7.91
CA PRO A 270 10.66 -3.04 8.74
C PRO A 270 10.65 -3.39 10.25
N ARG A 271 11.51 -2.72 11.01
CA ARG A 271 11.64 -2.89 12.46
C ARG A 271 11.46 -1.53 13.21
N CYS A 272 10.82 -0.55 12.57
CA CYS A 272 10.54 0.74 13.17
C CYS A 272 9.46 1.42 12.34
N SER A 273 8.82 2.42 12.93
CA SER A 273 7.71 3.15 12.30
C SER A 273 8.06 4.57 12.00
N VAL A 274 7.32 5.21 11.10
CA VAL A 274 7.53 6.63 10.78
C VAL A 274 7.41 7.44 12.08
N ASP A 276 9.58 7.42 14.59
CA ASP A 276 10.38 6.86 15.66
C ASP A 276 11.73 7.55 15.65
N GLU A 277 12.25 7.77 16.86
CA GLU A 277 13.57 8.35 17.07
C GLU A 277 14.46 7.15 17.36
N VAL A 278 15.43 6.88 16.48
CA VAL A 278 16.33 5.73 16.63
C VAL A 278 17.75 6.19 17.01
N GLU A 279 18.46 5.36 17.77
CA GLU A 279 19.83 5.63 18.19
C GLU A 279 20.78 5.10 17.12
N GLN A 280 22.01 5.60 17.14
CA GLN A 280 23.05 5.17 16.24
C GLN A 280 23.25 3.67 16.45
N GLY A 281 23.21 2.90 15.37
CA GLY A 281 23.34 1.45 15.46
C GLY A 281 22.05 0.65 15.63
N ASP A 282 20.89 1.29 15.84
CA ASP A 282 19.63 0.55 15.98
C ASP A 282 19.25 -0.14 14.69
N VAL A 283 18.69 -1.35 14.82
CA VAL A 283 18.21 -2.11 13.66
C VAL A 283 16.91 -1.42 13.19
N VAL A 284 16.95 -0.93 11.96
CA VAL A 284 15.81 -0.26 11.33
C VAL A 284 14.98 -1.29 10.56
N GLY A 285 15.63 -2.31 10.03
CA GLY A 285 14.95 -3.39 9.36
C GLY A 285 15.85 -4.60 9.22
N VAL A 286 15.27 -5.70 8.78
CA VAL A 286 15.95 -6.97 8.60
CA VAL A 286 16.00 -6.94 8.57
C VAL A 286 15.71 -7.47 7.18
N LEU A 287 16.71 -8.09 6.57
CA LEU A 287 16.61 -8.63 5.24
C LEU A 287 16.67 -10.16 5.35
N HIS A 288 15.61 -10.81 4.88
CA HIS A 288 15.51 -12.25 4.89
C HIS A 288 15.91 -12.74 3.49
N PRO A 289 16.91 -13.64 3.38
CA PRO A 289 17.34 -14.14 2.05
C PRO A 289 16.26 -14.97 1.34
N GLY A 291 16.29 -17.37 -1.33
CA GLY A 291 16.44 -18.78 -1.72
C GLY A 291 16.78 -19.81 -0.67
N SER A 292 16.66 -19.45 0.61
CA SER A 292 17.06 -20.34 1.71
C SER A 292 16.36 -20.05 3.03
N LEU A 293 16.01 -21.14 3.73
CA LEU A 293 15.43 -21.08 5.07
C LEU A 293 16.47 -21.44 6.13
N SER A 294 17.65 -21.87 5.70
CA SER A 294 18.77 -22.16 6.59
C SER A 294 19.65 -20.94 6.83
N ALA A 295 19.77 -20.06 5.82
CA ALA A 295 20.59 -18.86 5.92
C ALA A 295 20.05 -17.83 6.92
N ALA A 296 20.96 -17.13 7.59
CA ALA A 296 20.63 -16.09 8.59
C ALA A 296 20.17 -14.80 7.91
N SER A 297 19.33 -14.05 8.62
CA SER A 297 18.83 -12.77 8.15
CA SER A 297 18.84 -12.77 8.13
C SER A 297 19.90 -11.70 8.41
N ILE A 298 19.85 -10.63 7.60
CA ILE A 298 20.79 -9.51 7.64
C ILE A 298 20.15 -8.30 8.29
N ASP A 299 20.79 -7.75 9.31
CA ASP A 299 20.34 -6.51 9.96
C ASP A 299 20.78 -5.27 9.18
N ILE A 300 19.88 -4.29 9.09
CA ILE A 300 20.14 -3.00 8.42
C ILE A 300 20.06 -1.94 9.54
N ARG A 301 21.20 -1.35 9.90
CA ARG A 301 21.28 -0.44 11.04
C ARG A 301 21.46 1.06 10.71
N ALA A 302 20.89 1.91 11.58
CA ALA A 302 21.02 3.36 11.51
C ALA A 302 22.50 3.76 11.76
N GLN A 303 22.99 4.68 10.93
CA GLN A 303 24.35 5.18 11.04
C GLN A 303 24.49 6.36 12.00
N SER A 304 23.37 6.90 12.50
CA SER A 304 23.40 7.99 13.47
C SER A 304 22.05 8.09 14.15
N LYS A 305 22.03 8.86 15.24
CA LYS A 305 20.80 9.11 15.97
C LYS A 305 19.98 9.94 15.01
N SER A 306 18.75 9.51 14.74
CA SER A 306 17.91 10.16 13.76
C SER A 306 16.45 9.77 13.95
N THR A 307 15.58 10.42 13.15
CA THR A 307 14.14 10.14 13.14
C THR A 307 13.81 9.38 11.88
N VAL A 308 12.87 8.45 11.97
CA VAL A 308 12.41 7.73 10.78
C VAL A 308 11.44 8.62 10.00
N PHE A 309 11.87 9.03 8.81
CA PHE A 309 11.05 9.86 7.97
C PHE A 309 10.23 8.96 7.07
N ALA A 310 10.87 7.95 6.47
CA ALA A 310 10.19 7.01 5.61
C ALA A 310 10.80 5.63 5.74
N ILE A 311 9.97 4.60 5.58
CA ILE A 311 10.42 3.21 5.68
C ILE A 311 9.53 2.33 4.81
N ARG A 312 10.14 1.37 4.11
CA ARG A 312 9.40 0.44 3.23
CA ARG A 312 9.38 0.47 3.22
C ARG A 312 8.54 -0.50 4.02
N SER A 313 7.47 -0.97 3.38
CA SER A 313 6.60 -2.00 3.92
C SER A 313 7.32 -3.30 3.67
N ALA A 314 6.90 -4.36 4.34
CA ALA A 314 7.49 -5.69 4.12
C ALA A 314 7.29 -6.06 2.65
N TYR A 316 9.66 -7.63 -1.19
CA TYR A 316 10.88 -8.14 -1.82
CA TYR A 316 10.89 -8.13 -1.82
C TYR A 316 11.71 -6.95 -2.34
N VAL A 317 13.00 -6.93 -2.07
CA VAL A 317 13.88 -5.84 -2.55
C VAL A 317 15.06 -6.48 -3.26
N GLN A 318 15.62 -5.74 -4.21
CA GLN A 318 16.85 -6.12 -4.89
C GLN A 318 18.00 -5.56 -4.06
N GLY A 319 19.21 -5.91 -4.45
CA GLY A 319 20.40 -5.39 -3.80
C GLY A 319 20.48 -3.89 -4.06
N ASN A 320 21.02 -3.17 -3.07
CA ASN A 320 21.22 -1.73 -3.11
C ASN A 320 19.96 -0.86 -3.29
N GLU A 321 18.79 -1.38 -2.87
CA GLU A 321 17.57 -0.61 -2.92
C GLU A 321 17.39 0.09 -1.60
N GLU A 322 16.86 1.33 -1.67
CA GLU A 322 16.64 2.15 -0.49
C GLU A 322 15.47 1.55 0.29
N VAL A 323 15.68 1.33 1.57
CA VAL A 323 14.65 0.73 2.42
C VAL A 323 14.17 1.61 3.53
N ALA A 324 14.94 2.63 3.91
CA ALA A 324 14.54 3.56 4.94
C ALA A 324 15.21 4.92 4.71
N ILE A 325 14.49 5.99 5.05
CA ILE A 325 15.02 7.35 4.98
CA ILE A 325 15.00 7.35 4.97
C ILE A 325 14.93 7.93 6.38
N LEU A 326 16.09 8.17 6.96
CA LEU A 326 16.23 8.73 8.29
C LEU A 326 16.54 10.21 8.09
N ALA A 327 16.24 11.01 9.09
CA ALA A 327 16.48 12.45 9.04
C ALA A 327 16.91 12.94 10.40
N ARG A 328 17.63 14.05 10.39
CA ARG A 328 18.12 14.66 11.60
C ARG A 328 17.71 16.09 11.66
N PRO A 329 17.53 16.64 12.88
CA PRO A 329 17.12 18.04 12.96
C PRO A 329 18.18 19.00 12.42
N LEU A 330 17.73 20.03 11.72
CA LEU A 330 18.60 21.04 11.14
CA LEU A 330 18.63 21.06 11.16
C LEU A 330 19.31 21.80 12.29
N ALA A 331 20.56 22.21 12.05
CA ALA A 331 21.33 22.98 13.03
C ALA A 331 20.54 24.24 13.39
N ARG A 332 20.43 24.50 14.69
CA ARG A 332 19.67 25.64 15.24
C ARG A 332 20.53 26.93 15.30
N SER B 3 11.41 -33.37 -19.45
CA SER B 3 12.37 -33.38 -18.36
C SER B 3 11.77 -33.21 -16.95
N GLU B 4 12.04 -34.22 -16.11
CA GLU B 4 11.71 -34.29 -14.67
C GLU B 4 10.32 -33.88 -14.09
N ALA B 5 9.93 -34.62 -13.05
CA ALA B 5 8.69 -34.39 -12.33
C ALA B 5 9.07 -33.46 -11.20
N PRO B 6 8.07 -32.88 -10.50
CA PRO B 6 8.43 -32.08 -9.34
C PRO B 6 9.03 -32.97 -8.26
N HIS B 7 9.98 -32.41 -7.51
CA HIS B 7 10.63 -33.15 -6.45
C HIS B 7 11.07 -32.24 -5.31
N LEU B 8 11.27 -32.86 -4.15
CA LEU B 8 11.79 -32.22 -2.96
C LEU B 8 13.26 -32.53 -2.93
N THR B 9 14.08 -31.61 -2.42
CA THR B 9 15.53 -31.83 -2.34
C THR B 9 16.00 -32.65 -1.11
N PHE B 10 15.08 -33.06 -0.27
CA PHE B 10 15.36 -33.87 0.91
C PHE B 10 14.20 -34.83 1.11
N ASP B 11 14.40 -35.80 1.99
CA ASP B 11 13.41 -36.80 2.30
C ASP B 11 12.62 -36.32 3.52
N LEU B 12 11.30 -36.28 3.35
CA LEU B 12 10.36 -35.90 4.40
C LEU B 12 10.32 -36.89 5.57
N ASP B 13 10.71 -38.15 5.33
CA ASP B 13 10.78 -39.16 6.39
C ASP B 13 11.98 -38.97 7.33
N THR B 14 12.95 -38.15 6.93
CA THR B 14 14.12 -37.89 7.76
C THR B 14 13.71 -37.20 9.07
N PRO B 15 13.96 -37.86 10.24
CA PRO B 15 13.62 -37.22 11.53
C PRO B 15 14.33 -35.90 11.80
N GLY B 16 13.71 -35.05 12.63
CA GLY B 16 14.21 -33.73 12.92
C GLY B 16 13.95 -32.68 11.84
N VAL B 17 14.79 -31.66 11.85
CA VAL B 17 14.67 -30.50 10.97
C VAL B 17 15.41 -30.70 9.66
N SER B 18 14.75 -30.34 8.55
CA SER B 18 15.33 -30.35 7.20
C SER B 18 14.88 -29.03 6.52
N THR B 19 15.76 -28.49 5.69
CA THR B 19 15.50 -27.31 4.90
C THR B 19 15.98 -27.66 3.51
N GLY B 20 15.24 -27.25 2.51
CA GLY B 20 15.60 -27.56 1.14
C GLY B 20 14.65 -26.82 0.26
N HIS B 21 14.35 -27.40 -0.90
CA HIS B 21 13.51 -26.78 -1.91
C HIS B 21 12.52 -27.75 -2.55
N LEU B 22 11.41 -27.20 -3.00
CA LEU B 22 10.42 -27.90 -3.80
C LEU B 22 10.68 -27.39 -5.20
N VAL B 23 11.17 -28.26 -6.06
CA VAL B 23 11.54 -27.88 -7.42
C VAL B 23 10.33 -28.12 -8.34
N VAL B 24 9.81 -27.05 -8.94
CA VAL B 24 8.67 -27.09 -9.87
C VAL B 24 9.20 -27.08 -11.30
N PRO B 25 8.95 -28.12 -12.11
CA PRO B 25 9.49 -28.15 -13.48
C PRO B 25 9.09 -26.98 -14.40
N LYS B 26 9.90 -26.80 -15.46
CA LYS B 26 9.77 -25.69 -16.40
C LYS B 26 8.47 -25.67 -17.20
N CYS B 30 8.04 -20.56 -18.28
CA CYS B 30 9.29 -20.19 -17.60
C CYS B 30 10.07 -21.41 -17.07
N GLU B 31 11.29 -21.15 -16.60
CA GLU B 31 12.20 -22.18 -16.10
C GLU B 31 11.80 -22.72 -14.71
N ALA B 32 12.61 -23.64 -14.19
CA ALA B 32 12.35 -24.25 -12.89
C ALA B 32 12.35 -23.24 -11.74
N LEU B 33 11.36 -23.37 -10.86
CA LEU B 33 11.25 -22.55 -9.67
C LEU B 33 11.65 -23.48 -8.51
N SER B 34 12.51 -23.03 -7.62
CA SER B 34 12.92 -23.77 -6.42
C SER B 34 12.42 -23.02 -5.22
N LEU B 35 11.32 -23.49 -4.62
CA LEU B 35 10.67 -22.87 -3.48
C LEU B 35 11.25 -23.44 -2.20
N PRO B 36 11.87 -22.60 -1.34
CA PRO B 36 12.40 -23.13 -0.08
C PRO B 36 11.32 -23.79 0.77
N VAL B 37 11.68 -24.90 1.42
CA VAL B 37 10.78 -25.66 2.29
C VAL B 37 11.51 -26.03 3.58
N PHE B 38 10.82 -25.88 4.69
CA PHE B 38 11.26 -26.32 6.00
C PHE B 38 10.37 -27.47 6.43
N SER B 39 10.94 -28.50 7.04
CA SER B 39 10.17 -29.60 7.57
C SER B 39 10.78 -30.06 8.88
N CYS B 40 9.96 -30.18 9.92
CA CYS B 40 10.38 -30.72 11.21
C CYS B 40 9.56 -32.00 11.46
N ASN B 41 10.22 -33.17 11.40
CA ASN B 41 9.57 -34.47 11.52
C ASN B 41 9.93 -35.09 12.87
N ARG B 42 9.00 -34.98 13.82
CA ARG B 42 9.13 -35.55 15.17
C ARG B 42 8.13 -36.68 15.45
N GLY B 43 7.99 -37.58 14.49
CA GLY B 43 7.23 -38.80 14.67
C GLY B 43 5.72 -38.68 14.71
N GLU B 44 5.11 -39.50 15.56
CA GLU B 44 3.68 -39.60 15.68
C GLU B 44 3.14 -38.31 16.22
N GLY B 45 1.95 -37.98 15.78
CA GLY B 45 1.27 -36.76 16.16
C GLY B 45 0.66 -36.09 14.94
N PRO B 46 0.14 -34.86 15.14
CA PRO B 46 -0.46 -34.10 14.04
C PRO B 46 0.51 -33.77 12.91
N SER B 47 -0.01 -33.79 11.70
CA SER B 47 0.74 -33.50 10.49
CA SER B 47 0.74 -33.50 10.49
C SER B 47 0.13 -32.23 9.86
N LEU B 48 0.93 -31.17 9.78
CA LEU B 48 0.48 -29.86 9.30
C LEU B 48 1.38 -29.23 8.26
N LEU B 49 0.75 -28.68 7.23
CA LEU B 49 1.43 -27.90 6.20
C LEU B 49 1.02 -26.46 6.42
N ILE B 50 2.00 -25.56 6.47
CA ILE B 50 1.79 -24.13 6.57
C ILE B 50 2.33 -23.47 5.30
N THR B 51 1.48 -22.73 4.58
CA THR B 51 1.87 -22.04 3.35
C THR B 51 1.60 -20.54 3.49
N GLY B 52 2.38 -19.72 2.79
CA GLY B 52 2.19 -18.27 2.75
C GLY B 52 2.64 -17.71 1.42
N GLY B 53 2.44 -16.42 1.25
CA GLY B 53 2.94 -15.74 0.04
C GLY B 53 2.29 -16.00 -1.31
N ASN B 54 0.96 -16.07 -1.32
CA ASN B 54 0.18 -16.11 -2.58
C ASN B 54 0.26 -14.76 -3.31
N HIS B 55 0.47 -13.67 -2.55
CA HIS B 55 0.56 -12.33 -3.07
C HIS B 55 1.95 -11.75 -2.79
N GLY B 56 2.78 -11.63 -3.81
CA GLY B 56 4.11 -11.06 -3.64
C GLY B 56 4.14 -9.59 -3.21
N ASN B 57 2.96 -8.97 -3.26
CA ASN B 57 2.70 -7.62 -2.84
C ASN B 57 2.53 -7.42 -1.30
N GLU B 58 2.10 -8.47 -0.57
CA GLU B 58 1.86 -8.39 0.89
C GLU B 58 2.53 -9.62 1.60
N LEU B 59 3.63 -9.35 2.30
CA LEU B 59 4.52 -10.38 2.88
CA LEU B 59 4.52 -10.38 2.88
C LEU B 59 4.45 -10.61 4.41
N GLN B 60 3.36 -10.24 5.06
CA GLN B 60 3.27 -10.49 6.52
C GLN B 60 3.19 -12.02 6.82
N GLY B 61 2.51 -12.77 5.95
CA GLY B 61 2.42 -14.23 6.01
C GLY B 61 3.79 -14.87 5.97
N PRO B 62 4.56 -14.64 4.89
CA PRO B 62 5.94 -15.10 4.80
C PRO B 62 6.83 -14.73 6.01
N ILE B 63 6.69 -13.52 6.54
CA ILE B 63 7.49 -13.11 7.72
C ILE B 63 7.09 -13.97 8.95
N LEU B 64 5.80 -14.17 9.14
CA LEU B 64 5.32 -15.01 10.26
C LEU B 64 5.83 -16.49 10.10
N ALA B 65 5.77 -17.01 8.87
CA ALA B 65 6.19 -18.38 8.53
C ALA B 65 7.69 -18.57 8.80
N ARG B 66 8.51 -17.59 8.41
CA ARG B 66 9.96 -17.62 8.71
C ARG B 66 10.28 -17.55 10.23
N ARG B 67 9.52 -16.76 10.99
CA ARG B 67 9.69 -16.71 12.45
C ARG B 67 9.44 -18.09 13.06
N LEU B 68 8.41 -18.74 12.54
CA LEU B 68 7.98 -20.07 12.99
C LEU B 68 9.05 -21.12 12.68
N VAL B 69 9.68 -20.99 11.52
CA VAL B 69 10.77 -21.87 11.09
C VAL B 69 11.96 -21.81 12.09
N LYS B 70 12.25 -20.62 12.61
CA LYS B 70 13.31 -20.45 13.62
C LYS B 70 12.95 -20.96 15.04
N TRP B 71 11.67 -20.86 15.38
CA TRP B 71 11.15 -21.22 16.70
C TRP B 71 10.82 -22.71 16.90
N LEU B 72 10.26 -23.35 15.87
CA LEU B 72 9.84 -24.76 15.94
C LEU B 72 10.91 -25.81 16.36
N PRO B 73 12.20 -25.64 15.93
CA PRO B 73 13.24 -26.56 16.40
C PRO B 73 13.36 -26.71 17.92
N GLU B 74 13.08 -25.69 18.68
CA GLU B 74 13.07 -25.78 20.15
C GLU B 74 11.69 -26.16 20.73
N ALA B 75 10.61 -25.63 20.17
CA ALA B 75 9.26 -25.80 20.71
C ALA B 75 8.44 -27.02 20.23
N GLN B 76 8.66 -27.51 19.01
CA GLN B 76 7.80 -28.60 18.50
C GLN B 76 7.98 -29.94 19.26
N ARG B 77 6.91 -30.39 19.88
CA ARG B 77 6.91 -31.58 20.71
C ARG B 77 6.79 -32.91 19.98
N CYS B 78 6.07 -32.91 18.87
CA CYS B 78 5.75 -34.16 18.19
C CYS B 78 5.23 -33.86 16.80
N GLY B 79 4.83 -34.91 16.10
CA GLY B 79 4.18 -34.78 14.81
C GLY B 79 5.08 -34.27 13.71
N ARG B 80 4.45 -33.73 12.68
CA ARG B 80 5.14 -33.20 11.52
CA ARG B 80 5.15 -33.19 11.53
C ARG B 80 4.59 -31.83 11.09
N ILE B 81 5.49 -30.87 10.81
CA ILE B 81 5.13 -29.53 10.33
C ILE B 81 6.01 -29.20 9.13
N ILE B 82 5.39 -28.94 7.98
CA ILE B 82 6.07 -28.52 6.73
C ILE B 82 5.65 -27.03 6.50
N ILE B 83 6.63 -26.18 6.21
CA ILE B 83 6.41 -24.74 6.01
C ILE B 83 6.98 -24.32 4.65
N VAL B 84 6.14 -23.71 3.81
CA VAL B 84 6.54 -23.19 2.49
C VAL B 84 6.17 -21.69 2.61
N PRO B 85 7.09 -20.86 3.12
CA PRO B 85 6.80 -19.45 3.41
C PRO B 85 6.24 -18.60 2.27
N GLU B 86 6.75 -18.84 1.08
CA GLU B 86 6.41 -18.12 -0.13
C GLU B 86 6.10 -19.09 -1.25
N ILE B 87 4.82 -19.19 -1.56
CA ILE B 87 4.32 -20.09 -2.60
C ILE B 87 4.39 -19.52 -4.00
N ASN B 88 4.29 -18.20 -4.09
CA ASN B 88 4.29 -17.52 -5.36
C ASN B 88 5.50 -16.56 -5.40
N PRO B 89 6.74 -17.12 -5.55
CA PRO B 89 7.97 -16.30 -5.52
C PRO B 89 8.13 -15.30 -6.68
N LEU B 90 7.76 -15.77 -7.89
CA LEU B 90 7.74 -14.92 -9.05
C LEU B 90 6.69 -13.80 -8.86
N ALA B 91 5.60 -14.08 -8.15
CA ALA B 91 4.60 -13.03 -7.84
C ALA B 91 5.20 -11.95 -6.92
N SER B 117 0.58 -24.04 -17.38
CA SER B 117 1.15 -22.77 -16.90
C SER B 117 1.79 -22.91 -15.52
N VAL B 118 2.70 -21.99 -15.19
CA VAL B 118 3.48 -22.05 -13.93
C VAL B 118 2.65 -22.13 -12.64
N SER B 119 1.55 -21.39 -12.57
CA SER B 119 0.64 -21.47 -11.40
C SER B 119 -0.02 -22.85 -11.26
N GLU B 120 -0.39 -23.46 -12.39
CA GLU B 120 -0.93 -24.81 -12.39
C GLU B 120 0.14 -25.79 -11.89
N ARG B 121 1.38 -25.64 -12.38
CA ARG B 121 2.49 -26.53 -12.01
C ARG B 121 2.96 -26.41 -10.57
N ILE B 122 2.83 -25.22 -9.98
CA ILE B 122 3.15 -24.96 -8.55
C ILE B 122 2.11 -25.65 -7.67
N ALA B 123 0.84 -25.48 -8.04
CA ALA B 123 -0.30 -26.14 -7.38
C ALA B 123 -0.15 -27.65 -7.44
N ASP B 124 0.23 -28.15 -8.62
CA ASP B 124 0.50 -29.56 -8.86
C ASP B 124 1.63 -30.12 -8.00
N ALA B 125 2.74 -29.38 -7.90
CA ALA B 125 3.90 -29.78 -7.07
C ALA B 125 3.51 -29.91 -5.58
N ILE B 126 2.72 -28.97 -5.10
CA ILE B 126 2.23 -28.97 -3.72
C ILE B 126 1.24 -30.12 -3.48
N SER B 127 0.32 -30.32 -4.42
CA SER B 127 -0.61 -31.46 -4.38
C SER B 127 0.06 -32.82 -4.40
N ARG B 128 1.05 -33.01 -5.27
CA ARG B 128 1.74 -34.27 -5.38
CA ARG B 128 1.76 -34.28 -5.38
C ARG B 128 2.71 -34.56 -4.23
N LEU B 129 3.56 -33.59 -3.88
CA LEU B 129 4.62 -33.79 -2.86
C LEU B 129 4.38 -33.42 -1.39
N LEU B 130 3.48 -32.50 -1.13
CA LEU B 130 3.26 -32.02 0.23
C LEU B 130 1.92 -32.41 0.82
N LEU B 131 0.84 -32.21 0.09
CA LEU B 131 -0.51 -32.53 0.59
C LEU B 131 -0.71 -33.99 1.05
N PRO B 132 -0.17 -34.99 0.33
CA PRO B 132 -0.31 -36.38 0.76
C PRO B 132 0.19 -36.75 2.14
N VAL B 133 1.20 -36.04 2.64
CA VAL B 133 1.78 -36.33 3.94
C VAL B 133 1.12 -35.59 5.13
N VAL B 134 0.21 -34.65 4.89
CA VAL B 134 -0.40 -33.87 5.98
C VAL B 134 -1.90 -34.08 6.08
N ASP B 135 -2.44 -33.91 7.28
CA ASP B 135 -3.89 -33.99 7.54
C ASP B 135 -4.55 -32.62 7.56
N THR B 136 -3.76 -31.57 7.77
CA THR B 136 -4.25 -30.20 7.88
C THR B 136 -3.33 -29.26 7.14
N VAL B 137 -3.93 -28.22 6.56
CA VAL B 137 -3.23 -27.17 5.86
C VAL B 137 -3.66 -25.82 6.47
N LEU B 138 -2.67 -25.03 6.87
CA LEU B 138 -2.87 -23.68 7.34
C LEU B 138 -2.32 -22.74 6.27
N ASP B 139 -3.21 -22.06 5.54
CA ASP B 139 -2.81 -21.05 4.54
C ASP B 139 -2.81 -19.66 5.17
N LEU B 140 -1.66 -18.99 5.15
CA LEU B 140 -1.51 -17.61 5.59
C LEU B 140 -1.86 -16.82 4.30
N HIS B 141 -3.16 -16.58 4.11
CA HIS B 141 -3.66 -16.00 2.87
C HIS B 141 -3.71 -14.47 2.91
N SER B 142 -3.28 -13.86 1.81
CA SER B 142 -3.31 -12.42 1.67
C SER B 142 -4.30 -11.94 0.63
N PHE B 143 -5.14 -10.98 1.03
CA PHE B 143 -6.03 -10.23 0.10
C PHE B 143 -5.29 -9.25 -0.77
N GLY B 144 -4.10 -8.82 -0.34
CA GLY B 144 -3.28 -7.88 -1.09
C GLY B 144 -3.09 -6.61 -0.29
N PRO B 145 -2.27 -5.69 -0.82
CA PRO B 145 -1.99 -4.42 -0.16
C PRO B 145 -3.09 -3.36 -0.24
N THR B 146 -4.13 -3.61 -1.04
CA THR B 146 -5.22 -2.67 -1.26
C THR B 146 -6.46 -2.86 -0.38
N TRP B 147 -6.41 -3.83 0.54
CA TRP B 147 -7.49 -4.09 1.51
C TRP B 147 -6.93 -4.01 2.91
N ASP B 148 -7.80 -3.65 3.85
CA ASP B 148 -7.52 -3.78 5.25
C ASP B 148 -8.55 -4.82 5.71
N CYS B 149 -8.19 -5.71 6.61
CA CYS B 149 -9.16 -6.67 7.15
C CYS B 149 -8.79 -6.98 8.58
N ALA B 150 -9.75 -7.57 9.28
CA ALA B 150 -9.58 -7.95 10.65
C ALA B 150 -8.62 -9.13 10.75
N PRO B 151 -7.75 -9.17 11.79
CA PRO B 151 -6.95 -10.38 12.02
C PRO B 151 -7.96 -11.48 12.30
N SER B 152 -7.97 -12.50 11.45
CA SER B 152 -9.03 -13.46 11.47
C SER B 152 -8.77 -14.78 10.78
N ILE B 153 -9.70 -15.72 10.98
CA ILE B 153 -9.77 -16.98 10.26
C ILE B 153 -11.09 -17.02 9.50
N ILE B 154 -11.04 -17.39 8.21
CA ILE B 154 -12.26 -17.56 7.38
C ILE B 154 -12.54 -19.03 7.14
N SER B 155 -13.83 -19.35 7.07
CA SER B 155 -14.33 -20.69 6.78
C SER B 155 -15.46 -20.54 5.78
N HIS B 156 -15.43 -21.36 4.72
CA HIS B 156 -16.47 -21.37 3.67
C HIS B 156 -17.41 -22.58 3.77
N ASP B 162 -19.72 -31.93 9.86
CA ASP B 162 -18.73 -33.00 10.10
C ASP B 162 -17.31 -32.43 10.07
N GLN B 163 -16.79 -32.22 8.86
CA GLN B 163 -15.49 -31.64 8.64
C GLN B 163 -15.69 -30.13 8.88
N THR B 165 -17.69 -28.83 11.12
CA THR B 165 -17.65 -28.73 12.58
C THR B 165 -16.21 -28.78 13.11
N LYS B 166 -15.41 -29.70 12.56
CA LYS B 166 -13.99 -29.85 12.90
C LYS B 166 -13.19 -28.60 12.52
N THR B 167 -13.32 -28.19 11.25
CA THR B 167 -12.65 -27.00 10.70
C THR B 167 -13.01 -25.73 11.47
N VAL B 168 -14.29 -25.57 11.82
CA VAL B 168 -14.76 -24.39 12.57
C VAL B 168 -14.26 -24.36 14.04
N SER B 169 -14.26 -25.51 14.73
CA SER B 169 -13.72 -25.60 16.11
C SER B 169 -12.21 -25.38 16.15
N ILE B 170 -11.49 -25.96 15.19
CA ILE B 170 -10.05 -25.77 15.08
C ILE B 170 -9.78 -24.29 14.82
N SER B 171 -10.52 -23.70 13.87
CA SER B 171 -10.43 -22.25 13.54
C SER B 171 -10.62 -21.33 14.76
N LYS B 172 -11.67 -21.59 15.54
CA LYS B 172 -11.95 -20.83 16.77
C LYS B 172 -10.87 -21.00 17.83
N ALA B 173 -10.25 -22.19 17.89
CA ALA B 173 -9.11 -22.46 18.77
C ALA B 173 -7.91 -21.51 18.56
N PHE B 174 -7.79 -20.85 17.39
CA PHE B 174 -6.74 -19.84 17.17
C PHE B 174 -6.94 -18.58 18.02
N LYS B 175 -8.16 -18.36 18.52
CA LYS B 175 -8.49 -17.20 19.37
C LYS B 175 -8.13 -15.83 18.72
N LEU B 176 -8.44 -15.74 17.43
CA LEU B 176 -8.25 -14.49 16.69
C LEU B 176 -9.47 -13.59 16.93
N PRO B 177 -9.33 -12.26 16.78
CA PRO B 177 -10.44 -11.33 16.98
C PRO B 177 -11.74 -11.70 16.25
N VAL B 178 -11.63 -12.23 15.03
CA VAL B 178 -12.80 -12.67 14.27
C VAL B 178 -12.64 -14.05 13.65
N THR B 179 -13.68 -14.87 13.79
CA THR B 179 -13.76 -16.14 13.04
C THR B 179 -14.93 -15.85 12.10
N LEU B 180 -14.68 -15.83 10.79
CA LEU B 180 -15.73 -15.48 9.81
C LEU B 180 -16.24 -16.67 8.99
N LEU B 181 -17.56 -16.78 8.94
CA LEU B 181 -18.24 -17.80 8.15
C LEU B 181 -18.61 -17.06 6.87
N TRP B 182 -17.85 -17.29 5.80
CA TRP B 182 -18.00 -16.59 4.52
C TRP B 182 -18.56 -17.52 3.43
N GLU B 183 -19.68 -17.14 2.82
CA GLU B 183 -20.29 -17.92 1.74
C GLU B 183 -19.96 -17.29 0.36
N PHE B 191 -7.15 -22.84 -3.79
CA PHE B 191 -6.36 -23.68 -2.87
C PHE B 191 -7.13 -24.51 -1.84
N ASP B 192 -8.26 -23.99 -1.35
CA ASP B 192 -9.10 -24.82 -0.48
C ASP B 192 -9.64 -26.05 -1.23
N THR B 193 -9.84 -25.91 -2.56
CA THR B 193 -10.33 -27.02 -3.40
C THR B 193 -9.28 -28.13 -3.51
N LEU B 194 -8.01 -27.78 -3.78
CA LEU B 194 -6.88 -28.74 -3.80
C LEU B 194 -6.82 -29.55 -2.52
N VAL B 195 -6.90 -28.82 -1.40
CA VAL B 195 -6.86 -29.39 -0.05
C VAL B 195 -8.09 -30.25 0.20
N HIS B 196 -9.25 -29.75 -0.24
CA HIS B 196 -10.48 -30.53 -0.16
C HIS B 196 -10.49 -31.71 -1.14
N ARG B 197 -9.77 -31.59 -2.27
CA ARG B 197 -9.66 -32.68 -3.27
C ARG B 197 -8.79 -33.86 -2.77
N GLN B 198 -8.17 -33.69 -1.58
CA GLN B 198 -7.51 -34.77 -0.85
C GLN B 198 -8.15 -35.01 0.53
N GLY B 199 -9.33 -34.43 0.77
CA GLY B 199 -10.10 -34.57 2.02
C GLY B 199 -9.39 -34.16 3.29
N LYS B 200 -8.50 -33.17 3.20
CA LYS B 200 -7.75 -32.66 4.36
C LYS B 200 -8.51 -31.45 4.91
N THR B 201 -8.22 -31.11 6.17
CA THR B 201 -8.79 -29.93 6.85
C THR B 201 -8.04 -28.68 6.37
N PHE B 202 -8.78 -27.67 5.93
CA PHE B 202 -8.19 -26.42 5.46
C PHE B 202 -8.56 -25.25 6.37
N ILE B 203 -7.55 -24.59 6.94
N ILE B 203 -7.55 -24.59 6.94
CA ILE B 203 -7.71 -23.42 7.79
CA ILE B 203 -7.72 -23.42 7.81
C ILE B 203 -7.09 -22.24 7.07
C ILE B 203 -7.08 -22.23 7.12
N CYS B 204 -7.83 -21.14 7.00
CA CYS B 204 -7.41 -19.96 6.30
C CYS B 204 -7.39 -18.71 7.16
N THR B 205 -6.20 -18.21 7.46
N THR B 205 -6.20 -18.22 7.46
CA THR B 205 -6.05 -16.99 8.22
CA THR B 205 -6.02 -16.99 8.24
C THR B 205 -5.91 -15.90 7.16
C THR B 205 -5.81 -15.86 7.23
N GLU B 206 -6.58 -14.78 7.38
CA GLU B 206 -6.56 -13.66 6.42
C GLU B 206 -5.70 -12.50 6.80
N PHE B 207 -4.84 -12.13 5.85
CA PHE B 207 -3.94 -11.00 5.92
C PHE B 207 -4.32 -10.01 4.80
N GLY B 208 -4.16 -8.72 5.12
CA GLY B 208 -4.37 -7.61 4.17
C GLY B 208 -3.24 -6.62 4.40
N GLY B 209 -3.10 -5.65 3.49
CA GLY B 209 -2.05 -4.63 3.60
C GLY B 209 -2.40 -3.33 4.28
N GLY B 210 -3.65 -3.17 4.72
CA GLY B 210 -4.09 -1.95 5.38
C GLY B 210 -3.54 -1.74 6.78
N VAL B 211 -3.94 -0.61 7.38
CA VAL B 211 -3.46 -0.17 8.71
C VAL B 211 -3.71 -1.17 9.86
N VAL B 212 -4.86 -1.86 9.84
CA VAL B 212 -5.20 -2.89 10.84
C VAL B 212 -4.18 -4.08 10.83
N SER B 213 -3.31 -4.14 9.79
CA SER B 213 -2.12 -5.01 9.83
C SER B 213 -0.91 -4.54 9.00
N ALA B 216 -0.44 -5.42 13.33
CA ALA B 216 -1.00 -6.59 14.02
C ALA B 216 -0.26 -7.93 13.80
N LEU B 217 1.02 -7.88 13.46
CA LEU B 217 1.81 -9.10 13.23
C LEU B 217 1.91 -9.98 14.48
N THR B 218 2.01 -9.36 15.66
CA THR B 218 2.07 -10.10 16.94
C THR B 218 0.71 -10.75 17.28
N ILE B 219 -0.39 -10.17 16.77
CA ILE B 219 -1.73 -10.75 16.93
C ILE B 219 -1.79 -12.08 16.19
N TYR B 220 -1.33 -12.06 14.94
CA TYR B 220 -1.28 -13.27 14.10
C TYR B 220 -0.32 -14.32 14.65
N GLU B 221 0.80 -13.88 15.19
CA GLU B 221 1.73 -14.79 15.86
C GLU B 221 1.09 -15.50 17.02
N ALA B 222 0.42 -14.74 17.88
CA ALA B 222 -0.27 -15.29 19.02
C ALA B 222 -1.34 -16.27 18.55
N GLY B 223 -2.05 -15.93 17.49
CA GLY B 223 -3.09 -16.80 16.94
C GLY B 223 -2.59 -18.12 16.38
N VAL B 224 -1.51 -18.05 15.59
CA VAL B 224 -0.89 -19.25 15.01
C VAL B 224 -0.37 -20.15 16.14
N ARG B 225 0.30 -19.58 17.12
CA ARG B 225 0.73 -20.34 18.30
C ARG B 225 -0.46 -21.02 19.00
N ASN B 226 -1.60 -20.33 19.14
CA ASN B 226 -2.81 -20.92 19.76
C ASN B 226 -3.31 -22.13 18.97
N GLY B 227 -3.26 -22.04 17.64
CA GLY B 227 -3.62 -23.18 16.78
C GLY B 227 -2.67 -24.36 16.91
N LEU B 228 -1.38 -24.09 17.02
CA LEU B 228 -0.37 -25.14 17.23
C LEU B 228 -0.53 -25.75 18.61
N ILE B 229 -0.91 -24.93 19.59
CA ILE B 229 -1.24 -25.45 20.93
C ILE B 229 -2.49 -26.35 20.84
N ALA B 230 -3.54 -25.85 20.21
CA ALA B 230 -4.80 -26.57 20.01
C ALA B 230 -4.59 -27.87 19.24
N LEU B 231 -3.73 -27.86 18.23
CA LEU B 231 -3.39 -29.07 17.48
C LEU B 231 -2.54 -30.07 18.30
N GLY B 232 -1.87 -29.60 19.35
CA GLY B 232 -1.05 -30.44 20.21
C GLY B 232 0.38 -30.59 19.73
N LEU B 233 0.85 -29.62 18.93
CA LEU B 233 2.20 -29.66 18.35
C LEU B 233 3.24 -29.02 19.24
N VAL B 234 2.84 -28.07 20.08
CA VAL B 234 3.72 -27.36 21.00
C VAL B 234 2.99 -27.25 22.37
N LYS B 235 3.76 -27.14 23.44
CA LYS B 235 3.20 -26.96 24.79
C LYS B 235 2.86 -25.49 25.03
N GLY B 236 1.94 -25.26 25.94
CA GLY B 236 1.48 -23.91 26.28
C GLY B 236 -0.02 -23.87 26.44
N LYS B 237 -0.52 -22.69 26.82
CA LYS B 237 -1.93 -22.42 27.03
C LYS B 237 -2.34 -21.30 26.07
N ALA B 238 -3.48 -21.48 25.40
CA ALA B 238 -3.96 -20.49 24.46
C ALA B 238 -4.25 -19.17 25.16
N GLU B 239 -3.90 -18.06 24.53
CA GLU B 239 -4.10 -16.72 25.08
C GLU B 239 -4.60 -15.82 23.96
N TYR B 240 -5.65 -15.03 24.23
CA TYR B 240 -6.15 -14.08 23.24
C TYR B 240 -5.14 -12.93 23.17
N PRO B 241 -4.68 -12.56 21.96
CA PRO B 241 -3.81 -11.38 21.89
C PRO B 241 -4.61 -10.10 22.09
N THR B 242 -3.96 -9.06 22.63
CA THR B 242 -4.60 -7.76 22.79
C THR B 242 -4.75 -7.12 21.42
N PHE B 243 -5.99 -6.81 21.02
CA PHE B 243 -6.30 -6.15 19.75
C PHE B 243 -7.32 -5.08 20.07
N ARG B 244 -7.04 -3.84 19.64
CA ARG B 244 -7.88 -2.67 19.91
CA ARG B 244 -7.87 -2.67 19.92
C ARG B 244 -8.18 -2.56 21.43
N GLN B 245 -7.14 -2.79 22.23
CA GLN B 245 -7.14 -2.77 23.68
C GLN B 245 -8.01 -3.85 24.37
N GLN B 246 -8.32 -4.94 23.67
CA GLN B 246 -9.20 -6.01 24.19
C GLN B 246 -8.73 -7.42 23.88
N LYS B 247 -9.17 -8.38 24.72
CA LYS B 247 -8.82 -9.81 24.61
CA LYS B 247 -8.81 -9.81 24.62
C LYS B 247 -10.11 -10.59 24.47
N THR B 248 -10.56 -10.69 23.22
CA THR B 248 -11.83 -11.25 22.84
C THR B 248 -11.80 -11.91 21.44
N GLY B 249 -12.73 -12.83 21.24
CA GLY B 249 -12.94 -13.56 20.00
C GLY B 249 -14.41 -13.42 19.67
N GLN B 250 -14.72 -13.38 18.38
CA GLN B 250 -16.06 -13.17 17.89
C GLN B 250 -16.30 -13.96 16.60
N THR B 251 -17.41 -14.66 16.50
CA THR B 251 -17.78 -15.42 15.30
C THR B 251 -18.81 -14.59 14.56
N LEU B 252 -18.54 -14.33 13.28
CA LEU B 252 -19.42 -13.53 12.45
C LEU B 252 -19.70 -14.28 11.18
N GLU B 253 -20.73 -13.86 10.46
CA GLU B 253 -21.07 -14.43 9.18
C GLU B 253 -21.23 -13.30 8.17
N THR B 254 -20.93 -13.58 6.91
CA THR B 254 -21.14 -12.63 5.81
C THR B 254 -21.81 -13.33 4.61
N THR B 255 -22.82 -12.67 4.02
CA THR B 255 -23.55 -13.18 2.85
C THR B 255 -23.55 -12.08 1.76
N SER B 256 -24.19 -12.35 0.62
CA SER B 256 -24.21 -11.42 -0.52
C SER B 256 -24.64 -9.99 -0.21
N SER B 257 -25.68 -9.83 0.60
CA SER B 257 -26.12 -8.47 1.01
C SER B 257 -25.05 -7.66 1.79
N ASP B 258 -24.12 -8.36 2.45
CA ASP B 258 -23.04 -7.75 3.23
C ASP B 258 -21.77 -7.45 2.43
N GLN B 259 -21.70 -7.97 1.21
CA GLN B 259 -20.54 -7.79 0.35
C GLN B 259 -20.89 -6.64 -0.58
N LEU B 260 -20.52 -5.43 -0.16
CA LEU B 260 -20.81 -4.18 -0.90
C LEU B 260 -19.92 -4.05 -2.12
N LYS B 261 -20.55 -3.73 -3.26
CA LYS B 261 -19.88 -3.57 -4.54
C LYS B 261 -20.09 -2.18 -5.12
N SER B 262 -19.15 -1.76 -5.96
CA SER B 262 -19.22 -0.47 -6.62
CA SER B 262 -19.23 -0.47 -6.59
C SER B 262 -20.31 -0.50 -7.69
N PRO B 263 -21.14 0.55 -7.78
CA PRO B 263 -22.14 0.52 -8.83
C PRO B 263 -21.60 0.82 -10.23
N SER B 264 -20.40 1.40 -10.34
CA SER B 264 -19.87 1.86 -11.61
C SER B 264 -18.42 2.21 -11.43
N PRO B 265 -17.68 2.47 -12.54
CA PRO B 265 -16.27 2.76 -12.31
C PRO B 265 -15.97 4.11 -11.65
N GLY B 266 -14.82 4.17 -10.99
CA GLY B 266 -14.37 5.39 -10.35
C GLY B 266 -13.42 5.17 -9.20
N ILE B 267 -13.11 6.28 -8.56
CA ILE B 267 -12.21 6.31 -7.41
C ILE B 267 -12.99 6.06 -6.15
N PHE B 268 -12.75 4.91 -5.52
CA PHE B 268 -13.43 4.56 -4.28
C PHE B 268 -12.66 5.18 -3.12
N GLU B 269 -13.39 5.81 -2.19
CA GLU B 269 -12.81 6.39 -1.01
C GLU B 269 -13.50 5.73 0.19
N PRO B 270 -12.75 4.99 1.04
CA PRO B 270 -13.37 4.40 2.20
C PRO B 270 -13.76 5.45 3.22
N ARG B 271 -14.86 5.19 3.94
CA ARG B 271 -15.38 6.07 4.96
C ARG B 271 -15.62 5.33 6.28
N CYS B 272 -14.91 4.21 6.48
CA CYS B 272 -14.99 3.43 7.71
CA CYS B 272 -15.02 3.33 7.65
C CYS B 272 -13.73 2.60 7.88
N SER B 273 -13.58 2.04 9.07
CA SER B 273 -12.43 1.25 9.44
C SER B 273 -12.86 -0.16 9.81
N VAL B 274 -11.91 -1.08 9.73
CA VAL B 274 -12.11 -2.45 10.14
C VAL B 274 -12.49 -2.45 11.62
N ASP B 276 -15.52 -1.33 12.66
CA ASP B 276 -16.59 -0.35 12.87
C ASP B 276 -17.94 -1.02 12.82
N GLU B 277 -18.81 -0.63 13.76
CA GLU B 277 -20.18 -1.10 13.83
C GLU B 277 -20.94 -0.05 13.04
N VAL B 278 -21.65 -0.49 12.01
CA VAL B 278 -22.43 0.41 11.15
C VAL B 278 -23.93 0.05 11.21
N GLU B 279 -24.75 1.06 10.94
CA GLU B 279 -26.19 0.93 10.87
C GLU B 279 -26.57 0.80 9.42
N GLN B 280 -27.74 0.22 9.18
CA GLN B 280 -28.33 0.13 7.85
C GLN B 280 -28.43 1.56 7.30
N GLY B 281 -27.92 1.76 6.09
CA GLY B 281 -27.91 3.07 5.47
C GLY B 281 -26.69 3.94 5.74
N ASP B 282 -25.78 3.52 6.62
CA ASP B 282 -24.56 4.28 6.85
C ASP B 282 -23.65 4.25 5.60
N VAL B 283 -23.00 5.38 5.31
CA VAL B 283 -22.06 5.50 4.18
C VAL B 283 -20.76 4.75 4.52
N VAL B 284 -20.48 3.64 3.82
CA VAL B 284 -19.26 2.83 4.01
C VAL B 284 -18.10 3.39 3.18
N GLY B 285 -18.44 4.00 2.05
CA GLY B 285 -17.47 4.63 1.20
C GLY B 285 -18.16 5.49 0.16
N VAL B 286 -17.37 6.26 -0.58
CA VAL B 286 -17.89 7.14 -1.61
C VAL B 286 -17.16 6.83 -2.91
N LEU B 287 -17.90 6.85 -4.01
CA LEU B 287 -17.32 6.61 -5.33
C LEU B 287 -17.32 7.91 -6.13
N HIS B 288 -16.12 8.42 -6.45
CA HIS B 288 -15.93 9.65 -7.20
C HIS B 288 -15.74 9.34 -8.70
N PRO B 289 -16.47 10.04 -9.59
CA PRO B 289 -16.33 9.80 -11.04
C PRO B 289 -15.09 10.45 -11.59
N GLY B 291 -14.51 11.26 -15.11
CA GLY B 291 -14.63 12.11 -16.30
C GLY B 291 -15.12 13.53 -16.09
N SER B 292 -15.34 13.95 -14.85
CA SER B 292 -15.93 15.26 -14.59
C SER B 292 -15.76 15.72 -13.14
N LEU B 293 -15.51 17.02 -12.95
CA LEU B 293 -15.42 17.62 -11.62
C LEU B 293 -16.69 18.34 -11.19
N SER B 294 -17.70 18.33 -12.06
CA SER B 294 -19.01 18.87 -11.74
C SER B 294 -19.95 17.73 -11.27
N ALA B 295 -19.78 16.52 -11.84
CA ALA B 295 -20.60 15.36 -11.50
C ALA B 295 -20.55 15.01 -10.00
N ALA B 296 -21.67 14.52 -9.50
CA ALA B 296 -21.79 14.12 -8.12
C ALA B 296 -21.08 12.79 -7.85
N SER B 297 -20.63 12.62 -6.63
CA SER B 297 -20.10 11.34 -6.19
C SER B 297 -21.28 10.47 -5.76
N ILE B 298 -21.05 9.16 -5.66
CA ILE B 298 -22.07 8.19 -5.27
C ILE B 298 -21.71 7.59 -3.91
N ASP B 299 -22.66 7.58 -2.98
CA ASP B 299 -22.49 6.95 -1.67
C ASP B 299 -22.69 5.44 -1.76
N ILE B 300 -21.83 4.66 -1.10
CA ILE B 300 -21.93 3.21 -1.06
C ILE B 300 -22.34 2.90 0.37
N ARG B 301 -23.58 2.43 0.56
CA ARG B 301 -24.14 2.27 1.92
C ARG B 301 -24.36 0.85 2.37
N ALA B 302 -24.35 0.69 3.70
CA ALA B 302 -24.55 -0.62 4.32
C ALA B 302 -26.03 -0.97 4.24
N GLN B 303 -26.33 -2.23 3.93
CA GLN B 303 -27.72 -2.70 3.80
C GLN B 303 -28.34 -3.19 5.11
N SER B 304 -27.51 -3.39 6.13
CA SER B 304 -28.01 -3.81 7.43
C SER B 304 -27.04 -3.42 8.52
N LYS B 305 -27.50 -3.52 9.77
CA LYS B 305 -26.65 -3.28 10.93
C LYS B 305 -25.59 -4.39 10.85
N SER B 306 -24.32 -4.02 10.86
CA SER B 306 -23.24 -4.99 10.67
C SER B 306 -21.90 -4.42 11.09
N THR B 307 -20.86 -5.26 11.05
CA THR B 307 -19.49 -4.87 11.42
C THR B 307 -18.59 -4.94 10.17
N VAL B 308 -17.70 -3.96 10.05
CA VAL B 308 -16.79 -3.90 8.91
C VAL B 308 -15.69 -4.92 9.10
N PHE B 309 -15.74 -6.00 8.34
CA PHE B 309 -14.72 -7.03 8.39
C PHE B 309 -13.49 -6.64 7.56
N ALA B 310 -13.74 -6.11 6.36
CA ALA B 310 -12.68 -5.69 5.45
C ALA B 310 -13.15 -4.52 4.63
N ILE B 311 -12.19 -3.71 4.20
CA ILE B 311 -12.50 -2.52 3.42
C ILE B 311 -11.31 -2.17 2.53
N ARG B 312 -11.64 -1.73 1.33
CA ARG B 312 -10.66 -1.42 0.32
C ARG B 312 -10.07 -0.05 0.64
N SER B 313 -8.80 0.12 0.28
CA SER B 313 -8.16 1.42 0.39
C SER B 313 -8.67 2.28 -0.78
N ALA B 314 -8.28 3.55 -0.80
CA ALA B 314 -8.66 4.46 -1.85
C ALA B 314 -7.98 4.03 -3.15
N TYR B 316 -8.83 3.19 -7.83
CA TYR B 316 -9.72 3.14 -8.95
C TYR B 316 -10.32 1.74 -8.97
N VAL B 317 -11.64 1.66 -9.04
CA VAL B 317 -12.37 0.37 -9.09
C VAL B 317 -13.28 0.42 -10.31
N GLN B 318 -13.61 -0.75 -10.83
CA GLN B 318 -14.55 -0.93 -11.92
C GLN B 318 -15.90 -1.20 -11.28
N GLY B 319 -16.97 -1.23 -12.08
CA GLY B 319 -18.29 -1.57 -11.57
C GLY B 319 -18.35 -3.03 -11.10
N ASN B 320 -19.19 -3.29 -10.11
CA ASN B 320 -19.34 -4.65 -9.52
C ASN B 320 -18.07 -5.22 -8.85
N GLU B 321 -17.16 -4.35 -8.45
CA GLU B 321 -15.99 -4.75 -7.68
C GLU B 321 -16.34 -4.57 -6.23
N GLU B 322 -16.00 -5.56 -5.40
CA GLU B 322 -16.26 -5.49 -3.96
C GLU B 322 -15.32 -4.46 -3.36
N VAL B 323 -15.87 -3.57 -2.53
CA VAL B 323 -15.12 -2.52 -1.85
C VAL B 323 -15.20 -2.60 -0.30
N ALA B 324 -16.08 -3.44 0.25
CA ALA B 324 -16.22 -3.65 1.69
C ALA B 324 -16.88 -4.99 1.95
N ILE B 325 -16.40 -5.71 2.97
CA ILE B 325 -17.01 -6.96 3.43
C ILE B 325 -17.58 -6.63 4.81
N LEU B 326 -18.91 -6.70 4.96
CA LEU B 326 -19.53 -6.48 6.26
C LEU B 326 -19.84 -7.88 6.82
N ALA B 327 -20.12 -7.97 8.12
CA ALA B 327 -20.43 -9.26 8.76
C ALA B 327 -21.32 -9.03 9.97
N ARG B 328 -22.14 -10.02 10.28
CA ARG B 328 -23.08 -9.95 11.39
C ARG B 328 -22.89 -11.17 12.29
N PRO B 329 -23.33 -11.09 13.56
CA PRO B 329 -23.24 -12.25 14.44
C PRO B 329 -24.27 -13.30 14.06
N LEU B 330 -24.00 -14.58 14.34
CA LEU B 330 -24.93 -15.68 14.02
C LEU B 330 -26.26 -15.55 14.78
N ALA B 331 -27.36 -16.01 14.16
CA ALA B 331 -28.70 -15.99 14.77
C ALA B 331 -28.85 -17.06 15.87
#